data_5WD8
#
_entry.id   5WD8
#
_cell.length_a   23.044
_cell.length_b   81.143
_cell.length_c   45.684
_cell.angle_alpha   90.00
_cell.angle_beta   90.81
_cell.angle_gamma   90.00
#
_symmetry.space_group_name_H-M   'P 1 21 1'
#
loop_
_entity.id
_entity.type
_entity.pdbx_description
1 polymer Lem22
2 water water
#
_entity_poly.entity_id   1
_entity_poly.type   'polypeptide(L)'
_entity_poly.pdbx_seq_one_letter_code
;SNAPVTELTRLKEY(MSE)EDQIAKAKESSSLTAQLKFLENAHTEHFVK(MSE)GSLTTIYKGGSEVVDRLKIEIRSLYE
E(MSE)LELKDKCRDQIQQYETS
;
_entity_poly.pdbx_strand_id   A,B
#
# COMPACT_ATOMS: atom_id res chain seq x y z
N SER A 1 -20.76 3.93 9.89
CA SER A 1 -19.44 4.38 9.51
C SER A 1 -19.37 5.90 9.47
N ASN A 2 -18.16 6.43 9.31
CA ASN A 2 -17.99 7.87 9.23
C ASN A 2 -18.59 8.41 7.94
N ALA A 3 -18.86 9.71 7.93
CA ALA A 3 -19.41 10.35 6.74
C ALA A 3 -18.35 10.43 5.65
N PRO A 4 -18.77 10.43 4.38
CA PRO A 4 -17.78 10.58 3.29
C PRO A 4 -16.95 11.85 3.41
N VAL A 5 -17.56 12.95 3.84
CA VAL A 5 -16.81 14.20 4.01
C VAL A 5 -15.73 14.02 5.07
N THR A 6 -16.02 13.27 6.13
CA THR A 6 -15.04 13.07 7.19
C THR A 6 -13.85 12.24 6.70
N GLU A 7 -14.14 11.14 6.00
CA GLU A 7 -13.06 10.27 5.53
C GLU A 7 -12.16 10.98 4.52
N LEU A 8 -12.76 11.69 3.56
CA LEU A 8 -11.97 12.35 2.53
C LEU A 8 -11.21 13.55 3.09
N THR A 9 -11.77 14.23 4.09
CA THR A 9 -11.04 15.33 4.72
C THR A 9 -9.80 14.83 5.43
N ARG A 10 -9.92 13.72 6.16
CA ARG A 10 -8.75 13.16 6.83
C ARG A 10 -7.76 12.58 5.83
N LEU A 11 -8.27 11.98 4.75
CA LEU A 11 -7.38 11.45 3.72
C LEU A 11 -6.61 12.57 3.04
N LYS A 12 -7.28 13.69 2.77
CA LYS A 12 -6.61 14.85 2.18
C LYS A 12 -5.46 15.32 3.07
N GLU A 13 -5.72 15.45 4.38
CA GLU A 13 -4.69 15.92 5.29
C GLU A 13 -3.54 14.92 5.39
N TYR A 14 -3.85 13.62 5.41
CA TYR A 14 -2.81 12.62 5.50
C TYR A 14 -1.90 12.63 4.28
N GLU A 16 -1.47 15.04 2.04
CA GLU A 16 -0.73 16.29 1.99
C GLU A 16 0.48 16.26 2.91
N ASP A 17 0.30 15.68 4.10
CA ASP A 17 1.41 15.58 5.05
C ASP A 17 2.50 14.65 4.54
N GLN A 18 2.12 13.48 4.04
CA GLN A 18 3.11 12.52 3.56
C GLN A 18 3.84 13.04 2.33
N ILE A 19 3.11 13.64 1.38
CA ILE A 19 3.72 14.17 0.18
C ILE A 19 4.68 15.32 0.53
N ALA A 20 4.29 16.16 1.49
CA ALA A 20 5.16 17.24 1.93
C ALA A 20 6.48 16.69 2.49
N LYS A 21 6.39 15.67 3.34
CA LYS A 21 7.60 15.11 3.94
C LYS A 21 8.47 14.41 2.90
N ALA A 22 7.87 13.85 1.86
CA ALA A 22 8.64 13.22 0.79
C ALA A 22 9.42 14.27 -0.01
N LYS A 23 8.81 15.43 -0.27
CA LYS A 23 9.49 16.47 -1.02
C LYS A 23 10.56 17.16 -0.18
N GLU A 24 10.32 17.31 1.12
CA GLU A 24 11.34 17.88 2.00
C GLU A 24 12.56 16.97 2.11
N SER A 25 12.33 15.67 2.26
CA SER A 25 13.41 14.74 2.57
C SER A 25 14.38 14.60 1.41
N SER A 26 15.66 14.50 1.74
CA SER A 26 16.71 14.22 0.77
C SER A 26 17.13 12.76 0.78
N SER A 27 16.50 11.93 1.62
CA SER A 27 16.80 10.51 1.71
C SER A 27 15.83 9.73 0.83
N LEU A 28 16.40 8.91 -0.07
CA LEU A 28 15.55 8.15 -0.99
C LEU A 28 14.78 7.07 -0.26
N THR A 29 15.37 6.47 0.78
CA THR A 29 14.65 5.48 1.58
C THR A 29 13.46 6.12 2.29
N ALA A 30 13.67 7.30 2.88
CA ALA A 30 12.57 8.00 3.55
C ALA A 30 11.49 8.41 2.57
N GLN A 31 11.88 8.89 1.39
CA GLN A 31 10.90 9.28 0.37
C GLN A 31 10.01 8.10 -0.02
N LEU A 32 10.62 6.93 -0.24
CA LEU A 32 9.85 5.76 -0.62
C LEU A 32 8.87 5.37 0.48
N LYS A 33 9.27 5.50 1.75
CA LYS A 33 8.39 5.15 2.85
C LYS A 33 7.24 6.15 2.97
N PHE A 34 7.53 7.44 2.82
CA PHE A 34 6.47 8.45 2.86
C PHE A 34 5.46 8.22 1.75
N LEU A 35 5.93 7.94 0.54
CA LEU A 35 5.01 7.68 -0.57
C LEU A 35 4.27 6.36 -0.38
N GLU A 36 4.89 5.39 0.29
CA GLU A 36 4.19 4.14 0.59
C GLU A 36 3.06 4.36 1.58
N ASN A 37 3.30 5.21 2.60
CA ASN A 37 2.26 5.53 3.56
C ASN A 37 1.04 6.15 2.87
N ALA A 38 1.28 7.13 1.99
CA ALA A 38 0.18 7.78 1.29
C ALA A 38 -0.51 6.83 0.32
N HIS A 39 0.28 6.02 -0.41
CA HIS A 39 -0.28 5.09 -1.38
C HIS A 39 -1.22 4.08 -0.70
N THR A 40 -0.81 3.57 0.46
CA THR A 40 -1.62 2.57 1.16
C THR A 40 -2.92 3.18 1.67
N GLU A 41 -2.84 4.36 2.30
CA GLU A 41 -4.03 4.99 2.85
C GLU A 41 -4.99 5.42 1.74
N HIS A 42 -4.45 5.92 0.62
CA HIS A 42 -5.30 6.28 -0.51
C HIS A 42 -6.06 5.09 -1.05
N PHE A 43 -5.36 3.96 -1.24
CA PHE A 43 -6.00 2.77 -1.77
C PHE A 43 -7.14 2.28 -0.88
N VAL A 44 -6.91 2.26 0.43
CA VAL A 44 -7.92 1.77 1.36
C VAL A 44 -9.12 2.71 1.40
N LYS A 45 -8.87 4.01 1.58
CA LYS A 45 -9.96 4.96 1.78
C LYS A 45 -10.79 5.15 0.51
N GLY A 47 -11.03 3.03 -2.08
CA GLY A 47 -11.70 1.80 -2.42
C GLY A 47 -12.94 1.53 -1.58
N SER A 48 -13.00 2.09 -0.38
CA SER A 48 -14.15 1.95 0.51
C SER A 48 -15.14 3.09 0.39
N LEU A 49 -14.85 4.10 -0.44
CA LEU A 49 -15.75 5.23 -0.56
C LEU A 49 -17.04 4.84 -1.28
N THR A 50 -16.97 3.86 -2.19
CA THR A 50 -18.17 3.32 -2.80
C THR A 50 -19.21 2.90 -1.76
N THR A 51 -18.73 2.36 -0.63
CA THR A 51 -19.65 1.79 0.35
C THR A 51 -20.44 2.86 1.09
N ILE A 52 -19.88 4.05 1.28
CA ILE A 52 -20.51 5.08 2.10
C ILE A 52 -20.94 6.29 1.31
N TYR A 53 -20.64 6.37 0.02
CA TYR A 53 -20.97 7.53 -0.79
C TYR A 53 -21.67 7.10 -2.08
N LYS A 54 -22.79 7.76 -2.38
CA LYS A 54 -23.56 7.48 -3.60
C LYS A 54 -23.46 8.56 -4.66
N GLY A 55 -22.96 9.74 -4.31
CA GLY A 55 -22.91 10.83 -5.27
C GLY A 55 -23.96 11.89 -4.96
N GLY A 56 -23.76 13.06 -5.57
CA GLY A 56 -24.66 14.18 -5.38
C GLY A 56 -24.20 15.21 -4.37
N SER A 57 -22.98 15.09 -3.86
CA SER A 57 -22.45 15.97 -2.84
C SER A 57 -21.32 16.80 -3.44
N GLU A 58 -21.48 18.12 -3.43
CA GLU A 58 -20.49 19.01 -4.03
C GLU A 58 -19.18 19.00 -3.25
N VAL A 59 -19.25 18.98 -1.92
CA VAL A 59 -18.03 18.95 -1.11
C VAL A 59 -17.27 17.65 -1.34
N VAL A 60 -17.99 16.52 -1.29
CA VAL A 60 -17.33 15.22 -1.49
C VAL A 60 -16.75 15.12 -2.89
N ASP A 61 -17.50 15.58 -3.89
CA ASP A 61 -17.00 15.55 -5.26
C ASP A 61 -15.78 16.45 -5.42
N ARG A 62 -15.80 17.63 -4.77
CA ARG A 62 -14.65 18.51 -4.83
C ARG A 62 -13.46 17.92 -4.08
N LEU A 63 -13.72 17.25 -2.95
CA LEU A 63 -12.64 16.58 -2.23
C LEU A 63 -12.05 15.45 -3.07
N LYS A 64 -12.89 14.73 -3.82
CA LYS A 64 -12.39 13.67 -4.69
C LYS A 64 -11.46 14.23 -5.77
N ILE A 65 -11.80 15.40 -6.32
CA ILE A 65 -10.95 16.01 -7.34
C ILE A 65 -9.62 16.43 -6.74
N GLU A 66 -9.65 17.01 -5.53
CA GLU A 66 -8.41 17.41 -4.87
C GLU A 66 -7.57 16.21 -4.45
N ILE A 67 -8.23 15.12 -4.05
CA ILE A 67 -7.49 13.91 -3.70
C ILE A 67 -6.84 13.31 -4.92
N ARG A 68 -7.53 13.34 -6.07
CA ARG A 68 -6.94 12.84 -7.30
C ARG A 68 -5.73 13.67 -7.71
N SER A 69 -5.78 14.98 -7.47
CA SER A 69 -4.63 15.83 -7.72
C SER A 69 -3.45 15.44 -6.84
N LEU A 70 -3.73 15.16 -5.56
CA LEU A 70 -2.67 14.65 -4.67
C LEU A 70 -2.19 13.28 -5.14
N TYR A 71 -3.11 12.41 -5.56
CA TYR A 71 -2.74 11.09 -6.04
C TYR A 71 -1.85 11.18 -7.27
N GLU A 72 -2.18 12.08 -8.21
CA GLU A 72 -1.35 12.24 -9.41
C GLU A 72 0.04 12.75 -9.07
N GLU A 73 0.13 13.73 -8.16
CA GLU A 73 1.43 14.22 -7.73
C GLU A 73 2.23 13.12 -7.04
N LEU A 75 2.10 10.02 -7.73
CA LEU A 75 2.59 9.10 -8.75
C LEU A 75 3.84 9.63 -9.44
N GLU A 76 3.92 10.95 -9.63
CA GLU A 76 5.14 11.52 -10.21
C GLU A 76 6.32 11.38 -9.26
N LEU A 77 6.09 11.58 -7.96
CA LEU A 77 7.17 11.46 -6.99
C LEU A 77 7.66 10.02 -6.89
N LYS A 78 6.74 9.05 -7.02
CA LYS A 78 7.15 7.65 -7.05
C LYS A 78 7.94 7.34 -8.32
N ASP A 79 7.54 7.94 -9.44
CA ASP A 79 8.29 7.77 -10.69
C ASP A 79 9.67 8.40 -10.59
N LYS A 80 9.77 9.55 -9.94
CA LYS A 80 11.08 10.18 -9.73
C LYS A 80 11.97 9.32 -8.83
N CYS A 81 11.39 8.76 -7.77
CA CYS A 81 12.15 7.86 -6.90
C CYS A 81 12.59 6.61 -7.67
N ARG A 82 11.71 6.07 -8.51
CA ARG A 82 12.05 4.90 -9.30
C ARG A 82 13.17 5.23 -10.29
N ASP A 83 13.15 6.44 -10.85
CA ASP A 83 14.22 6.87 -11.75
C ASP A 83 15.57 6.85 -11.03
N GLN A 84 15.61 7.33 -9.78
CA GLN A 84 16.86 7.37 -9.02
C GLN A 84 17.33 5.96 -8.68
N ILE A 85 16.40 5.06 -8.34
CA ILE A 85 16.78 3.68 -8.05
C ILE A 85 17.39 3.01 -9.28
N GLN A 86 16.80 3.26 -10.46
CA GLN A 86 17.34 2.69 -11.69
C GLN A 86 18.74 3.23 -11.97
N GLN A 87 18.99 4.49 -11.64
CA GLN A 87 20.33 5.07 -11.81
C GLN A 87 21.35 4.31 -10.98
N TYR A 88 21.03 4.07 -9.70
CA TYR A 88 21.94 3.33 -8.83
C TYR A 88 22.21 1.93 -9.37
N GLU A 89 21.17 1.27 -9.89
CA GLU A 89 21.31 -0.11 -10.35
C GLU A 89 22.13 -0.20 -11.64
N THR A 90 22.07 0.84 -12.48
CA THR A 90 22.77 0.81 -13.76
C THR A 90 24.18 1.36 -13.62
N ASN B 2 -18.08 -11.61 0.49
CA ASN B 2 -17.57 -12.98 0.40
C ASN B 2 -17.30 -13.57 1.77
N ALA B 3 -17.22 -14.89 1.85
CA ALA B 3 -16.95 -15.56 3.09
C ALA B 3 -15.49 -15.33 3.52
N PRO B 4 -15.21 -15.35 4.82
CA PRO B 4 -13.81 -15.20 5.27
C PRO B 4 -12.87 -16.24 4.66
N VAL B 5 -13.35 -17.48 4.48
CA VAL B 5 -12.51 -18.50 3.85
C VAL B 5 -12.15 -18.10 2.44
N THR B 6 -13.11 -17.51 1.71
CA THR B 6 -12.88 -17.13 0.32
C THR B 6 -11.86 -16.01 0.21
N GLU B 7 -12.00 -14.98 1.04
CA GLU B 7 -11.10 -13.83 0.98
C GLU B 7 -9.68 -14.23 1.34
N LEU B 8 -9.51 -14.98 2.42
CA LEU B 8 -8.17 -15.36 2.86
C LEU B 8 -7.51 -16.35 1.91
N THR B 9 -8.30 -17.23 1.28
CA THR B 9 -7.74 -18.15 0.30
C THR B 9 -7.19 -17.40 -0.91
N ARG B 10 -7.94 -16.41 -1.41
CA ARG B 10 -7.46 -15.62 -2.54
C ARG B 10 -6.30 -14.72 -2.13
N LEU B 11 -6.34 -14.19 -0.90
CA LEU B 11 -5.25 -13.35 -0.43
C LEU B 11 -3.96 -14.15 -0.30
N LYS B 12 -4.04 -15.38 0.19
CA LYS B 12 -2.85 -16.23 0.29
C LYS B 12 -2.20 -16.43 -1.07
N GLU B 13 -3.00 -16.75 -2.09
CA GLU B 13 -2.46 -16.98 -3.42
C GLU B 13 -1.88 -15.70 -4.03
N TYR B 14 -2.54 -14.57 -3.81
CA TYR B 14 -2.03 -13.32 -4.35
C TYR B 14 -0.68 -12.96 -3.75
N GLU B 16 1.43 -15.09 -2.24
CA GLU B 16 2.39 -16.10 -2.69
C GLU B 16 2.88 -15.81 -4.10
N ASP B 17 1.98 -15.37 -4.98
CA ASP B 17 2.37 -15.03 -6.35
C ASP B 17 3.29 -13.82 -6.38
N GLN B 18 2.93 -12.76 -5.65
CA GLN B 18 3.74 -11.55 -5.64
C GLN B 18 5.08 -11.78 -4.98
N ILE B 19 5.10 -12.49 -3.85
CA ILE B 19 6.36 -12.76 -3.15
C ILE B 19 7.26 -13.61 -4.01
N ALA B 20 6.70 -14.58 -4.73
CA ALA B 20 7.49 -15.40 -5.64
C ALA B 20 8.15 -14.55 -6.72
N LYS B 21 7.36 -13.67 -7.36
CA LYS B 21 7.91 -12.86 -8.45
C LYS B 21 8.95 -11.88 -7.94
N ALA B 22 8.82 -11.41 -6.69
CA ALA B 22 9.85 -10.55 -6.12
C ALA B 22 11.15 -11.31 -5.93
N LYS B 23 11.07 -12.57 -5.52
CA LYS B 23 12.27 -13.38 -5.32
C LYS B 23 12.88 -13.79 -6.65
N GLU B 24 12.06 -14.05 -7.68
CA GLU B 24 12.60 -14.38 -8.99
C GLU B 24 13.33 -13.17 -9.60
N SER B 25 12.74 -11.98 -9.49
CA SER B 25 13.26 -10.83 -10.21
C SER B 25 14.61 -10.38 -9.66
N SER B 26 15.49 -9.98 -10.58
CA SER B 26 16.78 -9.39 -10.22
C SER B 26 16.77 -7.88 -10.29
N SER B 27 15.63 -7.27 -10.65
CA SER B 27 15.49 -5.83 -10.73
C SER B 27 14.90 -5.32 -9.42
N LEU B 28 15.60 -4.38 -8.77
CA LEU B 28 15.13 -3.88 -7.49
C LEU B 28 13.87 -3.03 -7.64
N THR B 29 13.74 -2.31 -8.75
CA THR B 29 12.50 -1.57 -9.00
C THR B 29 11.32 -2.51 -9.15
N ALA B 30 11.50 -3.60 -9.89
CA ALA B 30 10.44 -4.59 -10.05
C ALA B 30 10.09 -5.24 -8.71
N GLN B 31 11.11 -5.56 -7.91
CA GLN B 31 10.87 -6.15 -6.60
C GLN B 31 10.03 -5.24 -5.72
N LEU B 32 10.33 -3.94 -5.71
CA LEU B 32 9.56 -3.01 -4.91
C LEU B 32 8.10 -2.96 -5.34
N LYS B 33 7.85 -3.06 -6.64
CA LYS B 33 6.46 -3.05 -7.13
C LYS B 33 5.72 -4.32 -6.73
N PHE B 34 6.40 -5.48 -6.86
CA PHE B 34 5.78 -6.73 -6.44
C PHE B 34 5.45 -6.70 -4.95
N LEU B 35 6.38 -6.22 -4.13
CA LEU B 35 6.12 -6.14 -2.69
C LEU B 35 5.08 -5.09 -2.37
N GLU B 36 4.99 -4.02 -3.18
CA GLU B 36 3.94 -3.03 -2.98
C GLU B 36 2.57 -3.60 -3.27
N ASN B 37 2.46 -4.44 -4.32
CA ASN B 37 1.19 -5.09 -4.62
C ASN B 37 0.74 -5.96 -3.45
N ALA B 38 1.65 -6.77 -2.90
CA ALA B 38 1.30 -7.65 -1.80
C ALA B 38 1.02 -6.85 -0.53
N HIS B 39 1.83 -5.83 -0.26
CA HIS B 39 1.62 -5.02 0.94
C HIS B 39 0.26 -4.32 0.91
N THR B 40 -0.12 -3.80 -0.26
CA THR B 40 -1.40 -3.10 -0.37
C THR B 40 -2.58 -4.06 -0.21
N GLU B 41 -2.52 -5.21 -0.89
CA GLU B 41 -3.63 -6.17 -0.82
C GLU B 41 -3.75 -6.76 0.58
N HIS B 42 -2.63 -7.03 1.25
CA HIS B 42 -2.68 -7.54 2.62
C HIS B 42 -3.34 -6.55 3.56
N PHE B 43 -2.95 -5.27 3.46
CA PHE B 43 -3.49 -4.26 4.35
C PHE B 43 -5.01 -4.13 4.20
N VAL B 44 -5.50 -4.13 2.95
CA VAL B 44 -6.93 -3.98 2.72
C VAL B 44 -7.69 -5.21 3.20
N LYS B 45 -7.25 -6.40 2.80
CA LYS B 45 -8.01 -7.61 3.09
C LYS B 45 -8.00 -7.96 4.57
N GLY B 47 -7.37 -5.90 7.12
CA GLY B 47 -8.12 -4.87 7.81
C GLY B 47 -9.61 -4.99 7.65
N SER B 48 -10.07 -5.62 6.57
CA SER B 48 -11.50 -5.83 6.33
C SER B 48 -11.98 -7.19 6.81
N LEU B 49 -11.09 -8.05 7.30
CA LEU B 49 -11.51 -9.37 7.79
C LEU B 49 -12.26 -9.27 9.10
N THR B 50 -11.94 -8.27 9.92
CA THR B 50 -12.68 -8.02 11.16
C THR B 50 -14.18 -7.91 10.92
N THR B 51 -14.57 -7.31 9.79
CA THR B 51 -15.98 -7.03 9.54
C THR B 51 -16.78 -8.28 9.24
N ILE B 52 -16.16 -9.29 8.62
CA ILE B 52 -16.89 -10.45 8.12
C ILE B 52 -16.55 -11.72 8.89
N TYR B 53 -15.62 -11.67 9.84
CA TYR B 53 -15.20 -12.86 10.57
C TYR B 53 -15.31 -12.60 12.07
N LYS B 54 -15.94 -13.53 12.79
CA LYS B 54 -16.14 -13.41 14.22
C LYS B 54 -15.28 -14.36 15.04
N GLY B 55 -14.66 -15.37 14.42
CA GLY B 55 -13.88 -16.33 15.15
C GLY B 55 -14.61 -17.66 15.30
N GLY B 56 -13.85 -18.68 15.67
CA GLY B 56 -14.38 -20.01 15.87
C GLY B 56 -14.21 -20.97 14.71
N SER B 57 -13.46 -20.57 13.68
CA SER B 57 -13.25 -21.41 12.50
C SER B 57 -11.78 -21.82 12.43
N GLU B 58 -11.53 -23.13 12.46
CA GLU B 58 -10.15 -23.61 12.40
C GLU B 58 -9.53 -23.31 11.05
N VAL B 59 -10.32 -23.42 9.97
CA VAL B 59 -9.80 -23.14 8.63
C VAL B 59 -9.39 -21.68 8.51
N VAL B 60 -10.26 -20.76 8.97
CA VAL B 60 -9.95 -19.34 8.86
C VAL B 60 -8.75 -18.99 9.74
N ASP B 61 -8.71 -19.55 10.96
CA ASP B 61 -7.58 -19.27 11.86
C ASP B 61 -6.27 -19.80 11.30
N ARG B 62 -6.31 -20.98 10.68
CA ARG B 62 -5.10 -21.53 10.07
C ARG B 62 -4.67 -20.71 8.87
N LEU B 63 -5.64 -20.23 8.07
CA LEU B 63 -5.32 -19.35 6.96
C LEU B 63 -4.71 -18.03 7.45
N LYS B 64 -5.22 -17.52 8.58
CA LYS B 64 -4.66 -16.30 9.16
C LYS B 64 -3.21 -16.51 9.58
N ILE B 65 -2.90 -17.68 10.13
CA ILE B 65 -1.53 -17.97 10.54
C ILE B 65 -0.62 -18.07 9.32
N GLU B 66 -1.10 -18.73 8.25
CA GLU B 66 -0.30 -18.85 7.04
C GLU B 66 -0.12 -17.51 6.35
N ILE B 67 -1.13 -16.65 6.40
CA ILE B 67 -1.00 -15.31 5.82
C ILE B 67 0.01 -14.49 6.60
N ARG B 68 0.02 -14.64 7.93
CA ARG B 68 1.00 -13.93 8.75
C ARG B 68 2.41 -14.37 8.42
N SER B 69 2.60 -15.66 8.12
CA SER B 69 3.91 -16.14 7.68
C SER B 69 4.31 -15.49 6.37
N LEU B 70 3.37 -15.36 5.43
CA LEU B 70 3.64 -14.64 4.19
C LEU B 70 3.92 -13.18 4.45
N TYR B 71 3.16 -12.57 5.37
CA TYR B 71 3.37 -11.16 5.71
C TYR B 71 4.77 -10.94 6.29
N GLU B 72 5.21 -11.82 7.19
CA GLU B 72 6.53 -11.68 7.78
C GLU B 72 7.62 -11.84 6.74
N GLU B 73 7.48 -12.82 5.84
CA GLU B 73 8.46 -12.99 4.76
C GLU B 73 8.48 -11.79 3.84
N LEU B 75 7.74 -8.59 4.63
CA LEU B 75 8.48 -7.55 5.32
C LEU B 75 9.98 -7.80 5.29
N GLU B 76 10.40 -9.07 5.33
CA GLU B 76 11.82 -9.39 5.25
C GLU B 76 12.38 -9.01 3.89
N LEU B 77 11.62 -9.27 2.82
CA LEU B 77 12.08 -8.91 1.49
C LEU B 77 12.10 -7.40 1.30
N LYS B 78 11.14 -6.69 1.91
CA LYS B 78 11.13 -5.24 1.83
C LYS B 78 12.32 -4.65 2.58
N ASP B 79 12.70 -5.24 3.70
CA ASP B 79 13.88 -4.79 4.42
C ASP B 79 15.15 -5.04 3.60
N LYS B 80 15.21 -6.17 2.89
CA LYS B 80 16.35 -6.44 2.03
C LYS B 80 16.43 -5.43 0.89
N CYS B 81 15.28 -5.08 0.30
CA CYS B 81 15.26 -4.05 -0.74
C CYS B 81 15.71 -2.71 -0.20
N ARG B 82 15.23 -2.35 1.01
CA ARG B 82 15.64 -1.08 1.62
C ARG B 82 17.13 -1.07 1.93
N ASP B 83 17.68 -2.21 2.36
CA ASP B 83 19.11 -2.29 2.63
C ASP B 83 19.93 -1.93 1.40
N GLN B 84 19.55 -2.45 0.23
CA GLN B 84 20.29 -2.16 -0.97
C GLN B 84 20.12 -0.70 -1.40
N ILE B 85 18.90 -0.16 -1.26
CA ILE B 85 18.68 1.24 -1.59
C ILE B 85 19.47 2.14 -0.66
N GLN B 86 19.47 1.83 0.64
CA GLN B 86 20.23 2.63 1.59
C GLN B 86 21.72 2.55 1.31
N GLN B 87 22.21 1.37 0.91
CA GLN B 87 23.62 1.26 0.52
C GLN B 87 23.92 2.13 -0.68
N TYR B 88 23.07 2.07 -1.71
CA TYR B 88 23.24 2.94 -2.87
C TYR B 88 23.15 4.41 -2.48
N GLU B 89 22.21 4.74 -1.59
CA GLU B 89 21.99 6.14 -1.24
C GLU B 89 23.13 6.73 -0.42
N THR B 90 23.80 5.91 0.39
CA THR B 90 24.88 6.39 1.23
C THR B 90 26.25 6.29 0.57
N SER B 91 26.31 5.86 -0.68
CA SER B 91 27.58 5.73 -1.40
C SER B 91 28.00 7.08 -1.99
#